data_6ILS
#
_entry.id   6ILS
#
_cell.length_a   99.460
_cell.length_b   99.460
_cell.length_c   165.740
_cell.angle_alpha   90.00
_cell.angle_beta   90.00
_cell.angle_gamma   90.00
#
_symmetry.space_group_name_H-M   'P 42 21 2'
#
loop_
_entity.id
_entity.type
_entity.pdbx_description
1 polymer Ribokinase
2 non-polymer "ADENOSINE-5'-TRIPHOSPHATE"
3 non-polymer 'SODIUM ION'
4 non-polymer alpha-D-ribofuranose
5 water water
#
_entity_poly.entity_id   1
_entity_poly.type   'polypeptide(L)'
_entity_poly.pdbx_seq_one_letter_code
;MAPPLVVVGSANADIYVEIERLPKEGETISAKTGQTLAGGKGANQAACGAKLMYPTYFVGRLGEDAHGKLIAEALGDDGC
GVHLDYVRSVNNEPTGHAVVMLQSDGQNSIIIVGGANMKAWPEIMSDDDLEIVRNAGIVLLQREIPDSINIQVAKAVKKA
GVPVILDVGGMDTPIPNELLDSIDILSPNETELSRLTGMPTETFEQISQAVAKCHKLGVKQVLVKLGSKGSALFIQGEKP
IQQSIIPAAQVVDTTGAGDTFTAAFAVAMVEGKSHEECLRFAAAAASLCVQVKGAIPSMPDRKSVLKLLKFSI
;
_entity_poly.pdbx_strand_id   A,B
#
# COMPACT_ATOMS: atom_id res chain seq x y z
N MET A 1 7.23 -13.37 32.32
CA MET A 1 6.02 -13.17 33.10
C MET A 1 6.10 -11.89 33.95
N ALA A 2 7.12 -11.08 33.72
CA ALA A 2 7.24 -9.79 34.39
C ALA A 2 6.10 -8.89 33.92
N PRO A 3 5.68 -7.93 34.75
CA PRO A 3 4.62 -7.00 34.34
C PRO A 3 4.98 -6.31 33.02
N PRO A 4 4.15 -6.53 31.98
CA PRO A 4 4.51 -6.19 30.62
C PRO A 4 4.53 -4.70 30.30
N LEU A 5 5.36 -4.38 29.32
CA LEU A 5 5.22 -3.13 28.62
C LEU A 5 3.96 -3.25 27.78
N VAL A 6 3.04 -2.31 27.95
CA VAL A 6 1.85 -2.31 27.12
C VAL A 6 1.78 -0.99 26.33
N VAL A 7 1.80 -1.12 25.02
CA VAL A 7 1.71 0.01 24.12
C VAL A 7 0.32 0.08 23.52
N VAL A 8 -0.35 1.22 23.71
CA VAL A 8 -1.64 1.45 23.08
C VAL A 8 -1.47 2.56 22.08
N GLY A 9 -1.73 2.27 20.81
CA GLY A 9 -1.49 3.30 19.84
C GLY A 9 -1.64 2.86 18.40
N SER A 10 -0.85 3.50 17.54
CA SER A 10 -1.05 3.44 16.09
C SER A 10 -0.21 2.38 15.38
N ALA A 11 -0.75 1.88 14.26
CA ALA A 11 0.01 1.01 13.37
C ALA A 11 -0.27 1.47 11.95
N ASN A 12 0.79 1.67 11.17
CA ASN A 12 0.67 2.18 9.80
C ASN A 12 1.48 1.38 8.81
N ALA A 13 0.97 1.21 7.60
CA ALA A 13 1.82 0.79 6.49
C ALA A 13 2.40 2.05 5.86
N ASP A 14 3.72 2.13 5.82
CA ASP A 14 4.40 3.26 5.20
C ASP A 14 4.75 2.89 3.77
N ILE A 15 4.11 3.58 2.84
CA ILE A 15 4.24 3.31 1.42
C ILE A 15 5.15 4.34 0.77
N TYR A 16 6.42 3.99 0.67
CA TYR A 16 7.44 4.85 0.09
C TYR A 16 7.55 4.64 -1.41
N VAL A 17 7.48 5.73 -2.18
CA VAL A 17 7.75 5.64 -3.61
C VAL A 17 8.80 6.68 -4.01
N GLU A 18 9.77 6.26 -4.81
CA GLU A 18 10.80 7.16 -5.32
C GLU A 18 10.43 7.65 -6.70
N ILE A 19 10.13 8.94 -6.80
CA ILE A 19 9.73 9.55 -8.07
C ILE A 19 10.63 10.73 -8.42
N GLU A 20 10.80 11.00 -9.70
CA GLU A 20 11.57 12.16 -10.13
C GLU A 20 10.87 13.43 -9.67
N ARG A 21 9.60 13.55 -10.06
CA ARG A 21 8.78 14.70 -9.71
C ARG A 21 7.36 14.22 -9.41
N LEU A 22 6.58 15.04 -8.70
CA LEU A 22 5.17 14.73 -8.45
C LEU A 22 4.38 14.66 -9.75
N PRO A 23 3.21 13.99 -9.73
CA PRO A 23 2.32 13.98 -10.88
C PRO A 23 1.41 15.20 -10.97
N LYS A 24 0.52 15.20 -11.98
CA LYS A 24 -0.46 16.29 -12.21
C LYS A 24 -1.86 15.67 -12.31
N GLU A 25 -2.90 16.44 -12.01
CA GLU A 25 -4.29 15.92 -12.05
C GLU A 25 -4.60 15.21 -13.37
N GLY A 26 -4.32 13.90 -13.43
CA GLY A 26 -4.55 13.09 -14.63
C GLY A 26 -3.27 12.38 -15.03
N GLU A 27 -2.14 13.02 -14.74
CA GLU A 27 -0.80 12.46 -15.07
C GLU A 27 -0.60 11.13 -14.33
N THR A 28 -0.31 10.09 -15.10
CA THR A 28 0.11 8.78 -14.54
C THR A 28 1.63 8.82 -14.70
N ILE A 29 2.37 8.71 -13.60
CA ILE A 29 3.82 8.63 -13.66
C ILE A 29 4.30 7.24 -13.24
N SER A 30 5.61 7.04 -13.32
CA SER A 30 6.23 5.80 -12.90
C SER A 30 7.30 6.11 -11.87
N ALA A 31 7.20 5.48 -10.71
CA ALA A 31 8.21 5.63 -9.69
C ALA A 31 9.45 4.86 -10.10
N LYS A 32 10.61 5.32 -9.62
CA LYS A 32 11.84 4.58 -9.81
C LYS A 32 11.71 3.26 -9.08
N THR A 33 11.26 3.35 -7.84
CA THR A 33 11.02 2.15 -7.05
C THR A 33 9.98 2.45 -5.97
N GLY A 34 9.65 1.43 -5.20
CA GLY A 34 8.67 1.59 -4.15
C GLY A 34 8.78 0.46 -3.16
N GLN A 35 8.48 0.74 -1.89
CA GLN A 35 8.38 -0.33 -0.92
C GLN A 35 7.38 0.06 0.16
N THR A 36 6.73 -0.95 0.71
CA THR A 36 5.73 -0.74 1.75
C THR A 36 6.20 -1.43 3.04
N LEU A 37 6.26 -0.66 4.12
CA LEU A 37 6.91 -1.08 5.34
C LEU A 37 6.01 -0.85 6.54
N ALA A 38 6.11 -1.74 7.52
CA ALA A 38 5.37 -1.63 8.76
C ALA A 38 5.90 -0.47 9.58
N GLY A 39 4.99 0.36 10.09
CA GLY A 39 5.37 1.54 10.84
C GLY A 39 4.26 1.98 11.77
N GLY A 40 4.21 3.28 12.05
CA GLY A 40 3.30 3.84 13.04
C GLY A 40 4.00 3.90 14.39
N LYS A 41 3.77 4.97 15.14
CA LYS A 41 4.52 5.13 16.38
C LYS A 41 4.21 4.03 17.40
N GLY A 42 2.96 3.61 17.53
CA GLY A 42 2.64 2.55 18.46
C GLY A 42 3.30 1.24 18.11
N ALA A 43 3.16 0.84 16.86
CA ALA A 43 3.76 -0.42 16.41
C ALA A 43 5.29 -0.37 16.58
N ASN A 44 5.89 0.77 16.22
CA ASN A 44 7.35 0.96 16.38
C ASN A 44 7.79 0.77 17.84
N GLN A 45 7.09 1.42 18.76
CA GLN A 45 7.45 1.34 20.17
C GLN A 45 7.27 -0.08 20.70
N ALA A 46 6.21 -0.76 20.28
CA ALA A 46 5.98 -2.14 20.68
C ALA A 46 7.08 -3.08 20.14
N ALA A 47 7.41 -2.91 18.87
CA ALA A 47 8.48 -3.67 18.22
C ALA A 47 9.78 -3.51 18.97
N CYS A 48 10.10 -2.27 19.31
CA CYS A 48 11.33 -1.98 20.06
C CYS A 48 11.38 -2.73 21.40
N GLY A 49 10.32 -2.59 22.19
CA GLY A 49 10.22 -3.28 23.46
C GLY A 49 10.36 -4.77 23.35
N ALA A 50 9.71 -5.38 22.34
CA ALA A 50 9.81 -6.83 22.16
C ALA A 50 11.23 -7.26 21.76
N LYS A 51 11.87 -6.46 20.92
CA LYS A 51 13.24 -6.77 20.48
C LYS A 51 14.26 -6.63 21.63
N LEU A 52 13.93 -5.81 22.62
CA LEU A 52 14.74 -5.70 23.83
C LEU A 52 14.49 -6.86 24.79
N MET A 53 13.69 -7.82 24.34
CA MET A 53 13.39 -9.04 25.10
C MET A 53 12.69 -8.72 26.40
N TYR A 54 11.87 -7.66 26.40
CA TYR A 54 10.96 -7.42 27.50
C TYR A 54 9.54 -7.76 27.03
N PRO A 55 8.74 -8.44 27.88
CA PRO A 55 7.38 -8.84 27.49
C PRO A 55 6.52 -7.64 27.09
N THR A 56 6.03 -7.63 25.86
CA THR A 56 5.39 -6.43 25.29
C THR A 56 4.10 -6.77 24.56
N TYR A 57 3.03 -6.05 24.90
CA TYR A 57 1.73 -6.13 24.24
C TYR A 57 1.45 -4.86 23.43
N PHE A 58 0.87 -5.02 22.26
CA PHE A 58 0.41 -3.88 21.47
C PHE A 58 -1.11 -3.90 21.40
N VAL A 59 -1.72 -2.79 21.83
CA VAL A 59 -3.17 -2.60 21.72
C VAL A 59 -3.44 -1.63 20.60
N GLY A 60 -3.98 -2.11 19.50
CA GLY A 60 -4.18 -1.26 18.35
C GLY A 60 -5.33 -1.78 17.51
N ARG A 61 -5.64 -1.04 16.47
CA ARG A 61 -6.71 -1.38 15.55
C ARG A 61 -6.19 -1.39 14.12
N LEU A 62 -6.53 -2.46 13.41
CA LEU A 62 -6.14 -2.66 12.03
C LEU A 62 -7.36 -2.84 11.16
N GLY A 63 -7.18 -2.74 9.85
CA GLY A 63 -8.21 -3.20 8.93
C GLY A 63 -7.99 -4.67 8.60
N GLU A 64 -9.04 -5.35 8.16
CA GLU A 64 -8.91 -6.71 7.63
C GLU A 64 -8.47 -6.60 6.17
N ASP A 65 -7.21 -6.24 5.98
CA ASP A 65 -6.63 -6.01 4.66
C ASP A 65 -5.16 -6.38 4.65
N ALA A 66 -4.49 -6.19 3.52
CA ALA A 66 -3.11 -6.63 3.36
C ALA A 66 -2.14 -5.87 4.26
N HIS A 67 -2.40 -4.57 4.46
CA HIS A 67 -1.53 -3.76 5.30
C HIS A 67 -1.64 -4.19 6.77
N GLY A 68 -2.81 -4.67 7.17
CA GLY A 68 -2.98 -5.23 8.49
C GLY A 68 -2.16 -6.51 8.67
N LYS A 69 -2.20 -7.38 7.67
CA LYS A 69 -1.37 -8.59 7.75
C LYS A 69 0.12 -8.24 7.77
N LEU A 70 0.49 -7.19 7.03
CA LEU A 70 1.88 -6.73 6.98
C LEU A 70 2.39 -6.37 8.38
N ILE A 71 1.57 -5.62 9.11
CA ILE A 71 1.90 -5.21 10.46
C ILE A 71 1.99 -6.41 11.39
N ALA A 72 0.96 -7.25 11.34
CA ALA A 72 0.91 -8.39 12.24
C ALA A 72 2.12 -9.29 12.01
N GLU A 73 2.51 -9.44 10.75
CA GLU A 73 3.67 -10.26 10.40
C GLU A 73 4.95 -9.67 10.99
N ALA A 74 5.13 -8.36 10.85
CA ALA A 74 6.31 -7.69 11.35
C ALA A 74 6.40 -7.76 12.87
N LEU A 75 5.26 -7.64 13.54
CA LEU A 75 5.25 -7.51 15.00
C LEU A 75 5.22 -8.84 15.74
N GLY A 76 4.61 -9.85 15.12
CA GLY A 76 4.24 -11.08 15.83
C GLY A 76 5.31 -12.16 15.91
N ASP A 77 4.86 -13.42 16.04
CA ASP A 77 5.75 -14.58 16.25
C ASP A 77 6.89 -14.72 15.25
N ASP A 78 6.62 -14.41 13.99
CA ASP A 78 7.63 -14.55 12.94
C ASP A 78 8.45 -13.27 12.78
N GLY A 79 8.17 -12.30 13.65
CA GLY A 79 8.86 -11.03 13.57
C GLY A 79 9.42 -10.67 14.93
N CYS A 80 8.93 -9.59 15.54
CA CYS A 80 9.56 -9.03 16.73
C CYS A 80 9.18 -9.76 18.02
N GLY A 81 8.06 -10.45 18.02
CA GLY A 81 7.65 -11.19 19.21
C GLY A 81 6.78 -10.39 20.18
N VAL A 82 6.13 -9.35 19.66
CA VAL A 82 5.08 -8.64 20.39
C VAL A 82 3.89 -9.56 20.59
N HIS A 83 3.27 -9.50 21.76
CA HIS A 83 1.98 -10.17 22.00
C HIS A 83 0.84 -9.36 21.38
N LEU A 84 0.09 -9.98 20.46
CA LEU A 84 -0.90 -9.28 19.65
C LEU A 84 -2.34 -9.61 20.06
N ASP A 85 -2.47 -10.12 21.29
CA ASP A 85 -3.76 -10.55 21.87
C ASP A 85 -4.84 -9.48 21.73
N TYR A 86 -4.44 -8.22 21.91
CA TYR A 86 -5.38 -7.09 21.99
C TYR A 86 -5.40 -6.21 20.76
N VAL A 87 -4.88 -6.73 19.66
CA VAL A 87 -5.04 -6.08 18.39
C VAL A 87 -6.35 -6.58 17.79
N ARG A 88 -7.22 -5.67 17.36
CA ARG A 88 -8.44 -6.10 16.70
C ARG A 88 -8.45 -5.59 15.26
N SER A 89 -8.99 -6.40 14.35
CA SER A 89 -9.11 -5.99 12.95
C SER A 89 -10.58 -5.73 12.66
N VAL A 90 -10.88 -4.75 11.79
CA VAL A 90 -12.26 -4.47 11.44
C VAL A 90 -12.45 -4.49 9.92
N ASN A 91 -13.69 -4.74 9.47
CA ASN A 91 -13.92 -4.86 8.03
C ASN A 91 -14.43 -3.59 7.37
N ASN A 92 -14.59 -2.52 8.14
CA ASN A 92 -15.14 -1.29 7.58
C ASN A 92 -14.17 -0.12 7.59
N GLU A 93 -12.91 -0.39 7.91
CA GLU A 93 -11.87 0.64 7.87
C GLU A 93 -10.60 0.01 7.35
N PRO A 94 -9.85 0.76 6.54
CA PRO A 94 -8.52 0.31 6.12
C PRO A 94 -7.52 0.44 7.26
N THR A 95 -6.53 -0.45 7.27
CA THR A 95 -5.35 -0.24 8.11
C THR A 95 -4.83 1.16 7.82
N GLY A 96 -4.40 1.87 8.85
CA GLY A 96 -3.84 3.18 8.66
C GLY A 96 -2.62 3.14 7.77
N HIS A 97 -2.45 4.14 6.92
CA HIS A 97 -1.27 4.18 6.08
C HIS A 97 -0.84 5.57 5.64
N ALA A 98 0.40 5.65 5.17
CA ALA A 98 0.98 6.90 4.72
C ALA A 98 1.63 6.68 3.35
N VAL A 99 1.26 7.52 2.38
CA VAL A 99 1.95 7.51 1.09
C VAL A 99 3.07 8.56 1.12
N VAL A 100 4.31 8.08 1.12
CA VAL A 100 5.46 8.97 1.15
C VAL A 100 6.11 9.07 -0.23
N MET A 101 6.13 10.27 -0.80
CA MET A 101 6.67 10.46 -2.13
C MET A 101 8.01 11.18 -2.14
N LEU A 102 9.08 10.42 -1.90
CA LEU A 102 10.45 10.91 -1.99
C LEU A 102 10.70 11.39 -3.40
N GLN A 103 11.18 12.63 -3.54
CA GLN A 103 11.33 13.22 -4.86
C GLN A 103 12.80 13.39 -5.25
N SER A 104 13.04 13.51 -6.55
CA SER A 104 14.40 13.70 -7.06
C SER A 104 14.84 15.15 -6.90
N ASP A 105 14.91 15.61 -5.65
CA ASP A 105 15.47 16.92 -5.31
C ASP A 105 15.62 17.04 -3.80
N GLY A 106 14.97 16.13 -3.06
CA GLY A 106 15.09 16.09 -1.61
C GLY A 106 13.79 16.37 -0.87
N GLN A 107 12.75 16.75 -1.61
CA GLN A 107 11.47 17.12 -0.99
C GLN A 107 10.54 15.90 -0.85
N ASN A 108 9.92 15.77 0.32
CA ASN A 108 8.93 14.75 0.57
C ASN A 108 7.53 15.32 0.43
N SER A 109 6.62 14.54 -0.15
CA SER A 109 5.20 14.86 -0.13
C SER A 109 4.47 13.67 0.50
N ILE A 110 3.58 13.94 1.44
CA ILE A 110 2.96 12.85 2.20
C ILE A 110 1.42 12.94 2.25
N ILE A 111 0.78 11.81 1.98
CA ILE A 111 -0.64 11.65 2.24
C ILE A 111 -0.81 10.70 3.42
N ILE A 112 -1.45 11.17 4.48
CA ILE A 112 -1.69 10.31 5.64
C ILE A 112 -3.15 9.88 5.69
N VAL A 113 -3.35 8.57 5.81
CA VAL A 113 -4.70 8.00 6.01
C VAL A 113 -4.81 7.41 7.41
N GLY A 114 -5.57 8.07 8.28
CA GLY A 114 -5.69 7.61 9.67
C GLY A 114 -6.31 6.24 9.77
N GLY A 115 -7.31 5.98 8.94
CA GLY A 115 -7.93 4.66 8.84
C GLY A 115 -8.38 4.09 10.17
N ALA A 116 -8.06 2.82 10.40
CA ALA A 116 -8.44 2.13 11.63
C ALA A 116 -7.87 2.82 12.87
N ASN A 117 -6.68 3.41 12.76
CA ASN A 117 -6.04 4.09 13.90
C ASN A 117 -6.95 5.13 14.52
N MET A 118 -7.72 5.81 13.67
CA MET A 118 -8.56 6.93 14.10
C MET A 118 -10.04 6.61 14.07
N LYS A 119 -10.44 5.55 13.37
CA LYS A 119 -11.87 5.31 13.17
C LYS A 119 -12.39 3.93 13.59
N ALA A 120 -11.51 3.05 14.07
CA ALA A 120 -11.95 1.68 14.40
C ALA A 120 -12.04 1.42 15.90
N TRP A 121 -11.85 2.47 16.70
CA TRP A 121 -11.92 2.28 18.14
C TRP A 121 -13.37 2.32 18.61
N PRO A 122 -13.69 1.69 19.74
CA PRO A 122 -15.06 1.79 20.24
C PRO A 122 -15.31 3.11 20.99
N GLU A 123 -16.57 3.45 21.21
CA GLU A 123 -16.94 4.64 21.99
C GLU A 123 -16.39 4.55 23.39
N ILE A 124 -16.47 3.35 23.94
CA ILE A 124 -15.98 3.08 25.27
C ILE A 124 -15.07 1.86 25.21
N MET A 125 -13.86 1.99 25.75
CA MET A 125 -12.92 0.87 25.75
C MET A 125 -13.50 -0.35 26.45
N SER A 126 -13.30 -1.54 25.88
CA SER A 126 -13.83 -2.77 26.45
C SER A 126 -13.10 -3.11 27.75
N ASP A 127 -13.77 -3.83 28.63
CA ASP A 127 -13.14 -4.21 29.89
C ASP A 127 -11.88 -5.04 29.63
N ASP A 128 -11.86 -5.81 28.55
CA ASP A 128 -10.72 -6.65 28.19
C ASP A 128 -9.48 -5.84 27.91
N ASP A 129 -9.65 -4.81 27.08
CA ASP A 129 -8.55 -3.91 26.76
C ASP A 129 -8.05 -3.25 28.03
N LEU A 130 -8.96 -2.82 28.90
CA LEU A 130 -8.48 -2.09 30.06
C LEU A 130 -7.77 -3.02 31.03
N GLU A 131 -8.09 -4.31 30.95
CA GLU A 131 -7.50 -5.28 31.86
C GLU A 131 -5.99 -5.45 31.58
N ILE A 132 -5.60 -5.45 30.31
CA ILE A 132 -4.17 -5.61 30.01
C ILE A 132 -3.39 -4.38 30.49
N VAL A 133 -3.96 -3.19 30.41
CA VAL A 133 -3.22 -2.01 30.89
C VAL A 133 -3.17 -1.95 32.42
N ARG A 134 -4.21 -2.45 33.10
CA ARG A 134 -4.16 -2.51 34.57
C ARG A 134 -3.11 -3.48 35.08
N ASN A 135 -2.77 -4.46 34.26
CA ASN A 135 -1.83 -5.50 34.65
C ASN A 135 -0.44 -5.25 34.10
N ALA A 136 -0.26 -4.06 33.54
CA ALA A 136 1.00 -3.68 32.93
C ALA A 136 2.04 -3.29 33.94
N GLY A 137 3.32 -3.36 33.55
CA GLY A 137 4.39 -2.79 34.35
C GLY A 137 4.52 -1.32 34.02
N ILE A 138 4.31 -1.01 32.75
CA ILE A 138 4.32 0.36 32.27
C ILE A 138 3.54 0.42 30.98
N VAL A 139 2.94 1.58 30.70
CA VAL A 139 2.12 1.79 29.52
C VAL A 139 2.63 2.97 28.68
N LEU A 140 2.69 2.78 27.35
CA LEU A 140 3.12 3.84 26.43
C LEU A 140 1.99 4.25 25.52
N LEU A 141 1.72 5.55 25.46
CA LEU A 141 0.78 6.15 24.54
C LEU A 141 1.47 7.11 23.57
N GLN A 142 0.84 7.41 22.45
CA GLN A 142 1.25 8.50 21.55
C GLN A 142 0.01 9.27 21.15
N ARG A 143 0.15 10.15 20.16
CA ARG A 143 -1.00 10.95 19.72
C ARG A 143 -1.42 10.66 18.29
N GLU A 144 -1.46 9.39 17.93
CA GLU A 144 -1.90 8.99 16.59
C GLU A 144 -3.17 8.13 16.66
N ILE A 145 -3.82 8.15 17.82
CA ILE A 145 -5.15 7.57 17.99
C ILE A 145 -6.04 8.62 18.70
N PRO A 146 -7.37 8.42 18.76
CA PRO A 146 -8.17 9.49 19.39
C PRO A 146 -7.83 9.78 20.85
N ASP A 147 -7.93 11.05 21.23
CA ASP A 147 -7.82 11.49 22.62
C ASP A 147 -8.71 10.69 23.56
N SER A 148 -9.92 10.38 23.10
CA SER A 148 -10.87 9.59 23.88
C SER A 148 -10.22 8.32 24.44
N ILE A 149 -9.53 7.58 23.57
CA ILE A 149 -8.92 6.31 23.98
C ILE A 149 -7.76 6.48 24.92
N ASN A 150 -6.88 7.44 24.61
CA ASN A 150 -5.76 7.75 25.48
C ASN A 150 -6.24 8.12 26.88
N ILE A 151 -7.33 8.86 26.95
CA ILE A 151 -7.83 9.33 28.25
C ILE A 151 -8.40 8.16 29.07
N GLN A 152 -9.17 7.31 28.43
CA GLN A 152 -9.70 6.13 29.11
C GLN A 152 -8.59 5.18 29.58
N VAL A 153 -7.57 4.95 28.76
CA VAL A 153 -6.44 4.17 29.23
C VAL A 153 -5.74 4.84 30.42
N ALA A 154 -5.48 6.15 30.29
CA ALA A 154 -4.78 6.92 31.32
C ALA A 154 -5.49 6.85 32.66
N LYS A 155 -6.82 6.94 32.64
CA LYS A 155 -7.61 6.84 33.86
C LYS A 155 -7.47 5.46 34.55
N ALA A 156 -7.52 4.39 33.76
CA ALA A 156 -7.39 3.05 34.30
C ALA A 156 -6.03 2.80 34.94
N VAL A 157 -4.96 3.24 34.27
CA VAL A 157 -3.61 2.94 34.76
C VAL A 157 -3.33 3.77 36.01
N LYS A 158 -3.90 4.98 36.06
CA LYS A 158 -3.74 5.87 37.20
C LYS A 158 -4.36 5.23 38.46
N LYS A 159 -5.57 4.68 38.31
CA LYS A 159 -6.22 3.98 39.43
C LYS A 159 -5.47 2.71 39.81
N ALA A 160 -4.87 2.04 38.84
CA ALA A 160 -4.15 0.80 39.13
C ALA A 160 -2.76 1.06 39.68
N GLY A 161 -2.31 2.31 39.61
CA GLY A 161 -0.97 2.67 40.07
C GLY A 161 0.12 2.22 39.12
N VAL A 162 -0.20 2.26 37.83
CA VAL A 162 0.74 1.85 36.78
C VAL A 162 1.26 3.07 36.06
N PRO A 163 2.60 3.19 35.93
CA PRO A 163 3.11 4.39 35.27
C PRO A 163 2.76 4.42 33.78
N VAL A 164 2.45 5.61 33.27
CA VAL A 164 2.16 5.76 31.85
C VAL A 164 2.97 6.93 31.25
N ILE A 165 3.48 6.69 30.06
CA ILE A 165 4.20 7.72 29.30
C ILE A 165 3.39 8.11 28.08
N LEU A 166 3.24 9.43 27.87
CA LEU A 166 2.61 9.95 26.67
C LEU A 166 3.63 10.61 25.72
N ASP A 167 3.90 9.96 24.60
CA ASP A 167 4.67 10.55 23.50
C ASP A 167 3.82 11.58 22.77
N VAL A 168 4.32 12.79 22.58
CA VAL A 168 3.52 13.84 21.99
C VAL A 168 3.50 13.71 20.46
N GLY A 169 4.35 12.85 19.92
CA GLY A 169 4.41 12.64 18.49
C GLY A 169 3.07 12.21 17.92
N GLY A 170 2.70 12.77 16.78
CA GLY A 170 1.43 12.48 16.16
C GLY A 170 0.75 13.75 15.71
N MET A 171 -0.54 13.86 15.95
CA MET A 171 -1.29 15.04 15.51
C MET A 171 -0.87 16.27 16.30
N ASP A 172 -0.99 17.43 15.66
CA ASP A 172 -0.53 18.68 16.26
C ASP A 172 -1.69 19.48 16.81
N THR A 173 -2.62 18.79 17.46
CA THR A 173 -3.73 19.43 18.16
C THR A 173 -3.35 19.67 19.61
N PRO A 174 -4.12 20.50 20.33
CA PRO A 174 -3.78 20.65 21.76
C PRO A 174 -4.07 19.38 22.56
N ILE A 175 -3.30 19.16 23.62
CA ILE A 175 -3.51 18.02 24.50
C ILE A 175 -4.54 18.35 25.58
N PRO A 176 -5.61 17.57 25.67
CA PRO A 176 -6.65 17.83 26.68
C PRO A 176 -6.10 17.77 28.10
N ASN A 177 -6.54 18.67 28.96
CA ASN A 177 -5.94 18.75 30.29
C ASN A 177 -6.17 17.48 31.10
N GLU A 178 -7.27 16.79 30.83
CA GLU A 178 -7.60 15.54 31.54
C GLU A 178 -6.62 14.43 31.15
N LEU A 179 -5.98 14.57 29.99
CA LEU A 179 -4.95 13.60 29.59
C LEU A 179 -3.67 13.97 30.33
N LEU A 180 -3.29 15.24 30.26
CA LEU A 180 -2.10 15.71 30.96
C LEU A 180 -2.11 15.37 32.45
N ASP A 181 -3.29 15.50 33.06
CA ASP A 181 -3.44 15.27 34.50
C ASP A 181 -3.38 13.80 34.89
N SER A 182 -3.49 12.91 33.90
CA SER A 182 -3.57 11.48 34.20
C SER A 182 -2.34 10.70 33.80
N ILE A 183 -1.34 11.39 33.23
CA ILE A 183 -0.12 10.71 32.79
C ILE A 183 1.03 10.99 33.75
N ASP A 184 1.98 10.06 33.79
CA ASP A 184 3.13 10.21 34.66
C ASP A 184 4.24 11.02 33.97
N ILE A 185 4.55 10.65 32.73
CA ILE A 185 5.65 11.26 32.00
C ILE A 185 5.17 11.75 30.64
N LEU A 186 5.40 13.03 30.37
CA LEU A 186 5.13 13.58 29.04
C LEU A 186 6.45 13.53 28.25
N SER A 187 6.37 13.20 26.97
CA SER A 187 7.60 13.05 26.19
C SER A 187 7.51 13.74 24.83
N PRO A 188 7.87 15.05 24.79
CA PRO A 188 7.88 15.82 23.55
C PRO A 188 9.30 15.98 23.01
N ASN A 189 9.45 16.25 21.72
CA ASN A 189 10.73 16.76 21.24
C ASN A 189 10.70 18.27 21.43
N GLU A 190 11.80 18.96 21.07
CA GLU A 190 11.89 20.41 21.27
C GLU A 190 10.77 21.17 20.56
N THR A 191 10.43 20.77 19.35
CA THR A 191 9.38 21.46 18.59
C THR A 191 7.98 21.22 19.17
N GLU A 192 7.75 20.01 19.67
CA GLU A 192 6.49 19.66 20.30
C GLU A 192 6.31 20.34 21.64
N LEU A 193 7.42 20.47 22.38
CA LEU A 193 7.39 21.16 23.68
C LEU A 193 6.98 22.63 23.49
N SER A 194 7.49 23.25 22.43
CA SER A 194 7.14 24.63 22.12
C SER A 194 5.67 24.80 21.71
N ARG A 195 5.15 23.86 20.93
CA ARG A 195 3.80 24.00 20.38
C ARG A 195 2.75 23.91 21.47
N LEU A 196 2.98 23.08 22.48
CA LEU A 196 1.96 22.89 23.51
C LEU A 196 2.12 23.89 24.67
N THR A 197 3.27 24.55 24.76
CA THR A 197 3.47 25.56 25.81
C THR A 197 3.44 27.00 25.28
N GLY A 198 3.54 27.15 23.97
CA GLY A 198 3.64 28.47 23.36
C GLY A 198 4.85 29.24 23.85
N MET A 199 5.95 28.54 24.10
CA MET A 199 7.16 29.15 24.61
C MET A 199 8.34 28.71 23.75
N PRO A 200 9.45 29.47 23.77
CA PRO A 200 10.63 29.09 22.98
C PRO A 200 11.37 27.89 23.56
N THR A 201 12.05 27.14 22.70
CA THR A 201 12.82 25.98 23.15
C THR A 201 14.16 25.88 22.42
N GLU A 202 14.73 27.04 22.10
CA GLU A 202 16.03 27.14 21.44
C GLU A 202 17.21 26.88 22.38
N THR A 203 17.04 27.24 23.65
CA THR A 203 18.10 27.05 24.66
C THR A 203 17.62 26.15 25.79
N PHE A 204 18.56 25.57 26.53
CA PHE A 204 18.19 24.70 27.63
C PHE A 204 17.43 25.43 28.72
N GLU A 205 17.77 26.70 28.94
CA GLU A 205 17.05 27.51 29.90
C GLU A 205 15.61 27.70 29.45
N GLN A 206 15.41 27.95 28.16
CA GLN A 206 14.06 28.10 27.60
C GLN A 206 13.27 26.80 27.70
N ILE A 207 13.97 25.68 27.53
CA ILE A 207 13.37 24.36 27.64
C ILE A 207 12.90 24.13 29.07
N SER A 208 13.78 24.43 30.02
CA SER A 208 13.45 24.31 31.44
C SER A 208 12.21 25.11 31.77
N GLN A 209 12.06 26.27 31.14
CA GLN A 209 10.94 27.15 31.42
C GLN A 209 9.63 26.62 30.86
N ALA A 210 9.67 26.10 29.63
CA ALA A 210 8.49 25.48 29.03
C ALA A 210 8.09 24.26 29.87
N VAL A 211 9.09 23.53 30.33
CA VAL A 211 8.86 22.38 31.21
C VAL A 211 8.20 22.80 32.52
N ALA A 212 8.62 23.97 33.04
CA ALA A 212 7.98 24.53 34.23
C ALA A 212 6.49 24.75 34.01
N LYS A 213 6.13 25.23 32.81
CA LYS A 213 4.73 25.37 32.44
C LYS A 213 4.03 24.00 32.41
N CYS A 214 4.78 22.96 32.07
CA CYS A 214 4.23 21.61 32.02
C CYS A 214 3.88 21.12 33.43
N HIS A 215 4.78 21.38 34.38
CA HIS A 215 4.53 21.02 35.78
C HIS A 215 3.24 21.68 36.27
N LYS A 216 3.07 22.95 35.93
CA LYS A 216 1.90 23.71 36.33
C LYS A 216 0.64 23.14 35.69
N LEU A 217 0.78 22.64 34.46
CA LEU A 217 -0.35 22.02 33.76
C LEU A 217 -0.71 20.64 34.35
N GLY A 218 0.15 20.11 35.22
CA GLY A 218 -0.16 18.88 35.92
C GLY A 218 0.77 17.71 35.68
N VAL A 219 1.87 17.95 34.97
CA VAL A 219 2.81 16.88 34.63
C VAL A 219 4.07 16.90 35.49
N LYS A 220 4.23 15.89 36.33
CA LYS A 220 5.38 15.85 37.24
C LYS A 220 6.70 15.45 36.56
N GLN A 221 6.61 14.79 35.39
CA GLN A 221 7.81 14.33 34.71
C GLN A 221 7.76 14.60 33.21
N VAL A 222 8.84 15.17 32.67
CA VAL A 222 8.94 15.42 31.24
C VAL A 222 10.25 14.86 30.70
N LEU A 223 10.12 13.99 29.71
CA LEU A 223 11.25 13.38 29.04
C LEU A 223 11.40 14.07 27.71
N VAL A 224 12.32 15.01 27.63
CA VAL A 224 12.47 15.83 26.43
C VAL A 224 13.47 15.22 25.47
N LYS A 225 13.04 15.03 24.23
CA LYS A 225 13.92 14.51 23.20
C LYS A 225 14.55 15.68 22.43
N LEU A 226 15.86 15.62 22.31
CA LEU A 226 16.63 16.77 21.84
C LEU A 226 17.40 16.52 20.55
N GLY A 227 17.09 15.41 19.88
CA GLY A 227 17.78 15.06 18.64
C GLY A 227 19.28 14.87 18.85
N SER A 228 20.08 15.63 18.11
CA SER A 228 21.52 15.50 18.18
C SER A 228 22.07 15.92 19.55
N LYS A 229 21.29 16.68 20.30
CA LYS A 229 21.71 17.14 21.63
C LYS A 229 21.41 16.11 22.73
N GLY A 230 20.80 14.99 22.35
CA GLY A 230 20.52 13.92 23.31
C GLY A 230 19.12 14.01 23.88
N SER A 231 19.04 14.10 25.21
CA SER A 231 17.74 14.18 25.90
C SER A 231 17.88 14.78 27.29
N ALA A 232 16.75 15.09 27.91
CA ALA A 232 16.76 15.59 29.29
C ALA A 232 15.54 15.09 30.06
N LEU A 233 15.75 14.55 31.25
CA LEU A 233 14.65 14.15 32.12
C LEU A 233 14.39 15.19 33.21
N PHE A 234 13.21 15.80 33.17
CA PHE A 234 12.78 16.76 34.20
C PHE A 234 11.79 16.13 35.17
N ILE A 235 12.16 16.09 36.44
CA ILE A 235 11.24 15.63 37.48
C ILE A 235 10.97 16.74 38.48
N GLN A 236 9.71 17.15 38.59
CA GLN A 236 9.33 18.18 39.54
C GLN A 236 9.80 17.80 40.94
N GLY A 237 10.40 18.76 41.64
CA GLY A 237 10.98 18.48 42.95
C GLY A 237 12.35 17.86 42.83
N GLU A 238 12.98 18.02 41.67
CA GLU A 238 14.33 17.51 41.46
C GLU A 238 15.08 18.31 40.40
N LYS A 239 16.38 18.05 40.30
CA LYS A 239 17.23 18.68 39.28
C LYS A 239 17.15 17.91 37.99
N PRO A 240 16.92 18.62 36.87
CA PRO A 240 16.92 18.00 35.56
C PRO A 240 18.24 17.31 35.27
N ILE A 241 18.19 16.10 34.73
CA ILE A 241 19.41 15.39 34.39
C ILE A 241 19.49 15.27 32.88
N GLN A 242 20.70 15.07 32.35
CA GLN A 242 20.84 15.04 30.90
C GLN A 242 21.67 13.86 30.42
N GLN A 243 21.44 13.53 29.16
CA GLN A 243 22.19 12.50 28.48
C GLN A 243 22.44 12.97 27.05
N SER A 244 23.69 12.96 26.64
CA SER A 244 23.99 13.30 25.26
C SER A 244 23.82 12.04 24.42
N ILE A 245 23.84 12.20 23.10
CA ILE A 245 23.78 11.04 22.24
C ILE A 245 25.00 10.16 22.47
N ILE A 246 24.83 8.86 22.29
CA ILE A 246 25.94 7.96 22.14
C ILE A 246 26.20 7.94 20.63
N PRO A 247 27.22 8.69 20.19
CA PRO A 247 27.39 8.99 18.77
C PRO A 247 27.40 7.77 17.87
N ALA A 248 26.55 7.82 16.85
CA ALA A 248 26.53 6.79 15.82
C ALA A 248 27.75 6.96 14.95
N ALA A 249 28.36 5.83 14.58
CA ALA A 249 29.44 5.83 13.59
C ALA A 249 28.96 6.56 12.35
N GLN A 250 27.81 6.13 11.83
CA GLN A 250 27.19 6.80 10.70
C GLN A 250 25.68 6.85 10.88
N VAL A 251 25.10 8.01 10.59
CA VAL A 251 23.65 8.15 10.62
C VAL A 251 23.08 7.77 9.26
N VAL A 252 22.56 6.56 9.16
CA VAL A 252 22.00 6.08 7.91
C VAL A 252 20.55 6.56 7.74
N ASP A 253 19.79 6.57 8.83
CA ASP A 253 18.36 6.78 8.79
C ASP A 253 17.78 6.97 10.20
N THR A 254 17.27 8.16 10.50
CA THR A 254 16.73 8.45 11.83
C THR A 254 15.29 7.98 12.01
N THR A 255 14.72 7.36 10.98
CA THR A 255 13.34 6.87 11.06
C THR A 255 13.20 5.84 12.19
N GLY A 256 12.22 6.05 13.06
CA GLY A 256 11.95 5.14 14.17
C GLY A 256 12.80 5.33 15.42
N ALA A 257 13.84 6.16 15.35
CA ALA A 257 14.78 6.26 16.47
C ALA A 257 14.22 6.98 17.69
N GLY A 258 13.34 7.95 17.47
CA GLY A 258 12.67 8.58 18.60
C GLY A 258 11.75 7.60 19.28
N ASP A 259 11.06 6.78 18.48
CA ASP A 259 10.23 5.71 19.02
C ASP A 259 11.08 4.71 19.79
N THR A 260 12.25 4.37 19.26
CA THR A 260 13.16 3.46 19.93
C THR A 260 13.62 4.06 21.26
N PHE A 261 14.00 5.33 21.23
CA PHE A 261 14.42 6.01 22.46
C PHE A 261 13.35 5.90 23.54
N THR A 262 12.13 6.27 23.19
CA THR A 262 11.02 6.27 24.15
C THR A 262 10.74 4.88 24.70
N ALA A 263 10.66 3.89 23.82
CA ALA A 263 10.33 2.56 24.27
C ALA A 263 11.47 1.96 25.08
N ALA A 264 12.71 2.21 24.67
CA ALA A 264 13.86 1.68 25.39
C ALA A 264 13.92 2.27 26.80
N PHE A 265 13.60 3.55 26.89
CA PHE A 265 13.53 4.23 28.18
C PHE A 265 12.53 3.54 29.09
N ALA A 266 11.36 3.25 28.54
CA ALA A 266 10.29 2.60 29.28
C ALA A 266 10.70 1.21 29.75
N VAL A 267 11.43 0.48 28.91
CA VAL A 267 11.92 -0.84 29.28
C VAL A 267 12.92 -0.74 30.44
N ALA A 268 13.88 0.18 30.33
CA ALA A 268 14.87 0.32 31.41
C ALA A 268 14.18 0.73 32.71
N MET A 269 13.22 1.65 32.61
CA MET A 269 12.47 2.12 33.76
C MET A 269 11.73 0.98 34.46
N VAL A 270 10.94 0.25 33.70
CA VAL A 270 10.13 -0.83 34.27
C VAL A 270 11.01 -1.95 34.80
N GLU A 271 12.25 -2.06 34.30
CA GLU A 271 13.21 -3.02 34.81
C GLU A 271 13.84 -2.53 36.12
N GLY A 272 13.46 -1.34 36.55
CA GLY A 272 13.90 -0.82 37.84
C GLY A 272 15.23 -0.09 37.82
N LYS A 273 15.67 0.33 36.64
CA LYS A 273 16.96 0.98 36.52
C LYS A 273 16.87 2.43 36.95
N SER A 274 18.00 3.00 37.37
CA SER A 274 18.05 4.40 37.77
C SER A 274 17.70 5.29 36.59
N HIS A 275 17.28 6.51 36.86
CA HIS A 275 16.96 7.47 35.81
C HIS A 275 18.13 7.72 34.86
N GLU A 276 19.34 7.73 35.42
CA GLU A 276 20.53 7.97 34.61
C GLU A 276 20.77 6.81 33.68
N GLU A 277 20.63 5.61 34.22
CA GLU A 277 20.87 4.40 33.43
C GLU A 277 19.76 4.22 32.39
N CYS A 278 18.56 4.73 32.67
CA CYS A 278 17.45 4.68 31.72
C CYS A 278 17.75 5.56 30.51
N LEU A 279 18.20 6.77 30.79
CA LEU A 279 18.55 7.70 29.73
C LEU A 279 19.65 7.16 28.84
N ARG A 280 20.62 6.48 29.45
CA ARG A 280 21.77 5.95 28.73
C ARG A 280 21.40 4.69 27.93
N PHE A 281 20.54 3.87 28.50
CA PHE A 281 20.02 2.68 27.83
C PHE A 281 19.28 3.12 26.56
N ALA A 282 18.43 4.14 26.71
CA ALA A 282 17.65 4.69 25.61
C ALA A 282 18.55 5.33 24.54
N ALA A 283 19.52 6.12 24.98
CA ALA A 283 20.51 6.69 24.05
C ALA A 283 21.23 5.62 23.24
N ALA A 284 21.65 4.56 23.91
CA ALA A 284 22.34 3.45 23.24
C ALA A 284 21.44 2.80 22.20
N ALA A 285 20.17 2.59 22.55
CA ALA A 285 19.23 1.99 21.60
C ALA A 285 18.98 2.89 20.38
N ALA A 286 18.66 4.16 20.63
CA ALA A 286 18.43 5.10 19.53
C ALA A 286 19.63 5.18 18.60
N SER A 287 20.82 5.08 19.19
CA SER A 287 22.07 5.16 18.43
C SER A 287 22.23 4.01 17.45
N LEU A 288 21.92 2.79 17.90
CA LEU A 288 21.99 1.63 17.00
C LEU A 288 20.91 1.76 15.94
N CYS A 289 19.76 2.31 16.34
CA CYS A 289 18.65 2.49 15.41
C CYS A 289 19.00 3.40 14.22
N VAL A 290 19.70 4.51 14.45
CA VAL A 290 19.95 5.45 13.37
C VAL A 290 21.04 4.96 12.41
N GLN A 291 21.71 3.88 12.77
CA GLN A 291 22.81 3.37 11.95
C GLN A 291 22.32 2.40 10.88
N VAL A 292 21.03 2.12 10.88
CA VAL A 292 20.45 1.12 9.99
C VAL A 292 19.23 1.69 9.27
N LYS A 293 19.12 1.42 7.98
CA LYS A 293 17.99 1.92 7.17
C LYS A 293 16.69 1.27 7.64
N GLY A 294 15.61 2.05 7.64
CA GLY A 294 14.31 1.53 7.99
C GLY A 294 13.91 1.84 9.42
N ALA A 295 12.72 1.40 9.82
CA ALA A 295 12.25 1.61 11.19
C ALA A 295 12.42 0.34 12.00
N ILE A 296 11.41 -0.53 11.95
CA ILE A 296 11.43 -1.78 12.71
C ILE A 296 12.64 -2.69 12.41
N PRO A 297 13.07 -2.81 11.14
CA PRO A 297 14.28 -3.63 10.95
C PRO A 297 15.56 -3.02 11.55
N SER A 298 15.56 -1.72 11.82
CA SER A 298 16.74 -1.06 12.39
C SER A 298 16.85 -1.22 13.91
N MET A 299 15.75 -1.61 14.56
CA MET A 299 15.74 -1.64 16.03
C MET A 299 16.59 -2.77 16.61
N PRO A 300 17.38 -2.43 17.64
CA PRO A 300 18.42 -3.33 18.13
C PRO A 300 17.91 -4.37 19.10
N ASP A 301 18.54 -5.54 19.11
CA ASP A 301 18.22 -6.53 20.14
C ASP A 301 18.94 -6.14 21.41
N ARG A 302 18.52 -6.74 22.52
CA ARG A 302 19.06 -6.40 23.83
C ARG A 302 20.57 -6.61 23.89
N LYS A 303 21.05 -7.71 23.29
CA LYS A 303 22.48 -8.01 23.31
C LYS A 303 23.32 -6.87 22.71
N SER A 304 22.83 -6.27 21.65
CA SER A 304 23.58 -5.21 20.95
C SER A 304 23.61 -3.90 21.73
N VAL A 305 22.48 -3.56 22.35
CA VAL A 305 22.40 -2.37 23.18
C VAL A 305 23.35 -2.47 24.37
N LEU A 306 23.31 -3.62 25.04
CA LEU A 306 24.16 -3.90 26.19
C LEU A 306 25.64 -3.87 25.81
N LYS A 307 25.94 -4.36 24.62
CA LYS A 307 27.30 -4.35 24.09
C LYS A 307 27.79 -2.92 23.92
N LEU A 308 27.00 -2.10 23.25
CA LEU A 308 27.31 -0.69 23.04
C LEU A 308 27.47 0.08 24.36
N LEU A 309 26.64 -0.25 25.35
CA LEU A 309 26.70 0.42 26.64
C LEU A 309 28.00 0.12 27.38
N LYS A 310 28.50 -1.10 27.21
CA LYS A 310 29.74 -1.52 27.86
C LYS A 310 30.91 -0.60 27.54
N PHE A 311 30.97 -0.08 26.32
CA PHE A 311 32.11 0.75 25.92
C PHE A 311 32.30 1.95 26.83
N SER A 312 33.56 2.29 27.10
CA SER A 312 33.85 3.32 28.10
C SER A 312 33.73 4.72 27.50
N MET B 1 -9.91 -30.64 -20.01
CA MET B 1 -9.81 -29.19 -20.03
C MET B 1 -9.63 -28.64 -21.45
N ALA B 2 -10.52 -27.72 -21.82
CA ALA B 2 -10.39 -26.99 -23.08
C ALA B 2 -9.07 -26.23 -23.11
N PRO B 3 -8.54 -25.96 -24.30
CA PRO B 3 -7.30 -25.17 -24.33
C PRO B 3 -7.52 -23.82 -23.65
N PRO B 4 -6.74 -23.56 -22.61
CA PRO B 4 -7.07 -22.47 -21.69
C PRO B 4 -6.78 -21.08 -22.20
N LEU B 5 -7.49 -20.12 -21.62
CA LEU B 5 -7.09 -18.72 -21.72
C LEU B 5 -5.84 -18.53 -20.89
N VAL B 6 -4.76 -18.09 -21.54
CA VAL B 6 -3.53 -17.83 -20.81
C VAL B 6 -3.18 -16.35 -20.84
N VAL B 7 -3.16 -15.74 -19.66
CA VAL B 7 -2.86 -14.33 -19.51
C VAL B 7 -1.46 -14.19 -18.96
N VAL B 8 -0.60 -13.54 -19.74
CA VAL B 8 0.73 -13.24 -19.27
C VAL B 8 0.80 -11.76 -19.04
N GLY B 9 1.06 -11.33 -17.81
CA GLY B 9 1.09 -9.92 -17.59
C GLY B 9 1.24 -9.53 -16.14
N SER B 10 0.67 -8.38 -15.80
CA SER B 10 0.91 -7.69 -14.54
C SER B 10 -0.07 -8.01 -13.41
N ALA B 11 0.42 -7.88 -12.18
CA ALA B 11 -0.41 -7.94 -10.99
C ALA B 11 0.01 -6.79 -10.09
N ASN B 12 -0.96 -5.96 -9.69
CA ASN B 12 -0.74 -4.79 -8.84
C ASN B 12 -1.62 -4.81 -7.61
N ALA B 13 -1.10 -4.34 -6.49
CA ALA B 13 -1.98 -3.91 -5.42
C ALA B 13 -2.34 -2.45 -5.73
N ASP B 14 -3.63 -2.18 -5.81
CA ASP B 14 -4.10 -0.84 -6.12
C ASP B 14 -4.39 -0.08 -4.82
N ILE B 15 -3.58 0.93 -4.52
CA ILE B 15 -3.71 1.71 -3.29
C ILE B 15 -4.48 3.01 -3.56
N TYR B 16 -5.77 3.00 -3.28
CA TYR B 16 -6.65 4.14 -3.49
C TYR B 16 -6.71 5.03 -2.27
N VAL B 17 -6.42 6.32 -2.43
CA VAL B 17 -6.63 7.27 -1.37
C VAL B 17 -7.54 8.40 -1.85
N GLU B 18 -8.60 8.66 -1.10
CA GLU B 18 -9.51 9.77 -1.39
C GLU B 18 -8.98 11.06 -0.76
N ILE B 19 -8.64 12.03 -1.61
CA ILE B 19 -8.19 13.33 -1.12
C ILE B 19 -9.04 14.46 -1.71
N GLU B 20 -8.84 15.68 -1.23
CA GLU B 20 -9.52 16.84 -1.79
C GLU B 20 -8.73 17.33 -3.00
N ARG B 21 -7.45 17.60 -2.76
CA ARG B 21 -6.52 18.03 -3.80
C ARG B 21 -5.19 17.31 -3.66
N LEU B 22 -4.45 17.21 -4.76
CA LEU B 22 -3.09 16.69 -4.70
C LEU B 22 -2.24 17.59 -3.79
N PRO B 23 -1.34 16.97 -3.00
CA PRO B 23 -0.46 17.77 -2.13
C PRO B 23 0.63 18.46 -2.92
N LYS B 24 1.36 19.36 -2.28
CA LYS B 24 2.45 20.08 -2.93
C LYS B 24 3.79 19.71 -2.31
N GLU B 25 4.87 20.07 -2.99
CA GLU B 25 6.23 19.72 -2.59
C GLU B 25 6.54 20.16 -1.17
N GLY B 26 6.91 19.20 -0.32
CA GLY B 26 7.23 19.49 1.06
C GLY B 26 6.01 19.43 1.98
N GLU B 27 4.83 19.27 1.39
CA GLU B 27 3.58 19.36 2.15
C GLU B 27 2.96 18.01 2.52
N THR B 28 2.57 17.88 3.79
CA THR B 28 1.81 16.73 4.28
C THR B 28 0.31 17.04 4.30
N ILE B 29 -0.50 16.17 3.71
CA ILE B 29 -1.95 16.32 3.82
C ILE B 29 -2.60 15.07 4.40
N SER B 30 -3.91 15.14 4.60
CA SER B 30 -4.69 14.01 5.10
C SER B 30 -5.71 13.56 4.07
N ALA B 31 -5.94 12.25 4.02
CA ALA B 31 -6.99 11.71 3.18
C ALA B 31 -8.23 11.43 4.00
N LYS B 32 -9.38 11.41 3.34
CA LYS B 32 -10.63 11.04 3.99
C LYS B 32 -10.66 9.55 4.29
N THR B 33 -10.32 8.74 3.29
CA THR B 33 -10.29 7.30 3.46
C THR B 33 -9.41 6.64 2.39
N GLY B 34 -9.51 5.32 2.30
CA GLY B 34 -8.73 4.56 1.36
C GLY B 34 -9.12 3.10 1.34
N GLN B 35 -8.57 2.37 0.36
CA GLN B 35 -8.80 0.94 0.24
C GLN B 35 -7.68 0.36 -0.61
N THR B 36 -7.19 -0.82 -0.25
CA THR B 36 -6.20 -1.51 -1.07
C THR B 36 -6.84 -2.74 -1.69
N LEU B 37 -6.80 -2.82 -3.03
CA LEU B 37 -7.49 -3.89 -3.73
C LEU B 37 -6.56 -4.62 -4.72
N ALA B 38 -6.91 -5.86 -5.01
CA ALA B 38 -6.21 -6.66 -6.00
C ALA B 38 -6.51 -6.12 -7.39
N GLY B 39 -5.46 -5.93 -8.19
CA GLY B 39 -5.65 -5.38 -9.52
C GLY B 39 -4.43 -5.64 -10.40
N GLY B 40 -4.20 -4.73 -11.34
CA GLY B 40 -3.23 -4.95 -12.38
C GLY B 40 -3.95 -5.46 -13.62
N LYS B 41 -3.54 -4.99 -14.80
CA LYS B 41 -4.27 -5.37 -16.02
C LYS B 41 -4.24 -6.87 -16.27
N GLY B 42 -3.12 -7.51 -16.00
CA GLY B 42 -3.01 -8.95 -16.23
C GLY B 42 -3.86 -9.73 -15.26
N ALA B 43 -3.75 -9.42 -13.97
CA ALA B 43 -4.54 -10.15 -12.97
C ALA B 43 -6.03 -9.89 -13.21
N ASN B 44 -6.39 -8.67 -13.57
CA ASN B 44 -7.79 -8.34 -13.87
C ASN B 44 -8.33 -9.19 -14.99
N GLN B 45 -7.56 -9.29 -16.08
CA GLN B 45 -8.02 -10.06 -17.22
C GLN B 45 -8.14 -11.55 -16.90
N ALA B 46 -7.19 -12.09 -16.12
CA ALA B 46 -7.27 -13.48 -15.72
C ALA B 46 -8.46 -13.72 -14.80
N ALA B 47 -8.67 -12.82 -13.83
CA ALA B 47 -9.84 -12.93 -12.96
C ALA B 47 -11.15 -12.94 -13.75
N CYS B 48 -11.22 -12.08 -14.75
CA CYS B 48 -12.42 -12.03 -15.60
C CYS B 48 -12.67 -13.34 -16.31
N GLY B 49 -11.65 -13.85 -16.98
CA GLY B 49 -11.74 -15.11 -17.68
C GLY B 49 -12.21 -16.23 -16.75
N ALA B 50 -11.60 -16.32 -15.58
CA ALA B 50 -11.93 -17.35 -14.58
C ALA B 50 -13.39 -17.23 -14.13
N LYS B 51 -13.86 -16.02 -13.89
CA LYS B 51 -15.26 -15.78 -13.45
C LYS B 51 -16.26 -16.11 -14.56
N LEU B 52 -15.83 -16.07 -15.82
CA LEU B 52 -16.70 -16.41 -16.98
C LEU B 52 -16.69 -17.91 -17.26
N MET B 53 -16.09 -18.65 -16.34
CA MET B 53 -16.04 -20.12 -16.37
C MET B 53 -15.26 -20.67 -17.57
N TYR B 54 -14.19 -19.99 -17.97
CA TYR B 54 -13.29 -20.58 -19.00
C TYR B 54 -11.97 -20.89 -18.31
N PRO B 55 -11.38 -22.08 -18.51
CA PRO B 55 -10.12 -22.46 -17.88
C PRO B 55 -9.10 -21.35 -18.12
N THR B 56 -8.59 -20.76 -17.04
CA THR B 56 -7.73 -19.58 -17.17
C THR B 56 -6.48 -19.69 -16.32
N TYR B 57 -5.31 -19.46 -16.93
CA TYR B 57 -4.03 -19.42 -16.26
C TYR B 57 -3.50 -17.99 -16.25
N PHE B 58 -2.89 -17.59 -15.14
CA PHE B 58 -2.21 -16.31 -15.07
C PHE B 58 -0.71 -16.58 -14.94
N VAL B 59 0.06 -16.05 -15.87
CA VAL B 59 1.51 -16.10 -15.80
C VAL B 59 2.06 -14.73 -15.41
N GLY B 60 2.69 -14.66 -14.24
CA GLY B 60 3.08 -13.38 -13.73
C GLY B 60 4.11 -13.52 -12.64
N ARG B 61 4.63 -12.39 -12.17
CA ARG B 61 5.67 -12.34 -11.14
C ARG B 61 5.23 -11.49 -9.97
N LEU B 62 5.34 -12.06 -8.77
CA LEU B 62 4.96 -11.39 -7.54
C LEU B 62 6.15 -11.26 -6.61
N GLY B 63 6.10 -10.31 -5.68
CA GLY B 63 7.06 -10.30 -4.57
C GLY B 63 6.55 -11.23 -3.49
N GLU B 64 7.43 -11.68 -2.62
CA GLU B 64 7.01 -12.50 -1.49
C GLU B 64 6.65 -11.55 -0.36
N ASP B 65 5.48 -10.92 -0.48
CA ASP B 65 5.05 -9.88 0.46
C ASP B 65 3.53 -9.90 0.62
N ALA B 66 3.00 -8.98 1.42
CA ALA B 66 1.58 -8.96 1.72
C ALA B 66 0.73 -8.62 0.48
N HIS B 67 1.24 -7.71 -0.36
CA HIS B 67 0.57 -7.37 -1.62
C HIS B 67 0.49 -8.58 -2.56
N GLY B 68 1.57 -9.36 -2.58
CA GLY B 68 1.63 -10.59 -3.36
C GLY B 68 0.58 -11.57 -2.91
N LYS B 69 0.43 -11.69 -1.58
CA LYS B 69 -0.56 -12.58 -1.00
C LYS B 69 -1.98 -12.15 -1.32
N LEU B 70 -2.21 -10.83 -1.28
CA LEU B 70 -3.49 -10.25 -1.64
C LEU B 70 -3.91 -10.73 -3.03
N ILE B 71 -2.99 -10.63 -3.96
CA ILE B 71 -3.25 -11.03 -5.35
C ILE B 71 -3.58 -12.51 -5.46
N ALA B 72 -2.72 -13.33 -4.88
CA ALA B 72 -2.87 -14.78 -4.92
C ALA B 72 -4.22 -15.20 -4.37
N GLU B 73 -4.59 -14.59 -3.24
CA GLU B 73 -5.87 -14.90 -2.61
C GLU B 73 -7.07 -14.52 -3.48
N ALA B 74 -6.99 -13.34 -4.08
CA ALA B 74 -8.08 -12.85 -4.91
C ALA B 74 -8.29 -13.72 -6.15
N LEU B 75 -7.19 -14.21 -6.72
CA LEU B 75 -7.23 -14.93 -7.99
C LEU B 75 -7.49 -16.42 -7.85
N GLY B 76 -7.01 -17.00 -6.76
CA GLY B 76 -6.94 -18.45 -6.64
C GLY B 76 -8.21 -19.21 -6.29
N ASP B 77 -8.03 -20.35 -5.60
CA ASP B 77 -9.10 -21.31 -5.37
C ASP B 77 -10.21 -20.80 -4.47
N ASP B 78 -9.91 -19.82 -3.63
CA ASP B 78 -10.91 -19.24 -2.75
C ASP B 78 -11.43 -17.91 -3.30
N GLY B 79 -10.95 -17.53 -4.48
CA GLY B 79 -11.40 -16.31 -5.12
C GLY B 79 -11.97 -16.60 -6.49
N CYS B 80 -11.31 -16.12 -7.53
CA CYS B 80 -11.84 -16.24 -8.88
C CYS B 80 -11.66 -17.61 -9.51
N GLY B 81 -10.71 -18.41 -9.03
CA GLY B 81 -10.51 -19.73 -9.61
C GLY B 81 -9.52 -19.75 -10.76
N VAL B 82 -8.64 -18.76 -10.78
CA VAL B 82 -7.55 -18.72 -11.76
C VAL B 82 -6.55 -19.82 -11.43
N HIS B 83 -6.08 -20.57 -12.43
CA HIS B 83 -4.98 -21.50 -12.20
C HIS B 83 -3.69 -20.70 -12.03
N LEU B 84 -3.04 -20.86 -10.87
CA LEU B 84 -1.86 -20.06 -10.53
C LEU B 84 -0.53 -20.79 -10.64
N ASP B 85 -0.52 -21.97 -11.28
CA ASP B 85 0.69 -22.80 -11.34
C ASP B 85 1.93 -22.06 -11.83
N TYR B 86 1.75 -21.09 -12.73
CA TYR B 86 2.89 -20.43 -13.36
C TYR B 86 3.16 -19.04 -12.84
N VAL B 87 2.58 -18.72 -11.70
CA VAL B 87 2.94 -17.51 -10.99
C VAL B 87 4.20 -17.82 -10.20
N ARG B 88 5.19 -16.95 -10.30
CA ARG B 88 6.40 -17.09 -9.50
C ARG B 88 6.58 -15.88 -8.61
N SER B 89 7.06 -16.10 -7.40
CA SER B 89 7.33 -15.01 -6.46
C SER B 89 8.82 -14.90 -6.16
N VAL B 90 9.32 -13.69 -5.99
CA VAL B 90 10.74 -13.45 -5.71
C VAL B 90 10.88 -12.66 -4.42
N ASN B 91 12.03 -12.78 -3.74
CA ASN B 91 12.18 -12.06 -2.47
C ASN B 91 13.02 -10.81 -2.60
N ASN B 92 13.44 -10.48 -3.82
CA ASN B 92 14.30 -9.32 -4.05
C ASN B 92 13.61 -8.20 -4.83
N GLU B 93 12.33 -8.37 -5.14
CA GLU B 93 11.53 -7.30 -5.75
C GLU B 93 10.17 -7.26 -5.05
N PRO B 94 9.60 -6.05 -4.89
CA PRO B 94 8.25 -5.95 -4.33
C PRO B 94 7.18 -6.26 -5.38
N THR B 95 6.04 -6.83 -4.97
CA THR B 95 4.88 -6.92 -5.85
C THR B 95 4.59 -5.52 -6.38
N GLY B 96 4.29 -5.42 -7.67
CA GLY B 96 3.98 -4.12 -8.26
C GLY B 96 2.77 -3.50 -7.57
N HIS B 97 2.74 -2.18 -7.54
CA HIS B 97 1.59 -1.52 -6.96
C HIS B 97 1.40 -0.15 -7.60
N ALA B 98 0.20 0.39 -7.42
CA ALA B 98 -0.18 1.67 -7.99
C ALA B 98 -0.87 2.52 -6.92
N VAL B 99 -0.30 3.67 -6.62
CA VAL B 99 -0.94 4.63 -5.72
C VAL B 99 -1.91 5.50 -6.52
N VAL B 100 -3.20 5.28 -6.33
CA VAL B 100 -4.21 6.00 -7.07
C VAL B 100 -4.85 7.10 -6.21
N MET B 101 -4.43 8.34 -6.43
CA MET B 101 -4.96 9.46 -5.68
C MET B 101 -6.21 10.06 -6.32
N LEU B 102 -7.37 9.66 -5.80
CA LEU B 102 -8.65 10.20 -6.24
C LEU B 102 -8.90 11.58 -5.64
N GLN B 103 -9.29 12.53 -6.49
CA GLN B 103 -9.63 13.87 -6.01
C GLN B 103 -11.13 14.07 -5.96
N SER B 104 -11.56 15.14 -5.30
CA SER B 104 -12.99 15.40 -5.12
C SER B 104 -13.66 15.89 -6.42
N ASP B 105 -12.88 16.54 -7.29
CA ASP B 105 -13.41 17.04 -8.56
C ASP B 105 -13.75 15.89 -9.51
N GLY B 106 -12.88 14.90 -9.60
CA GLY B 106 -13.14 13.73 -10.43
C GLY B 106 -11.90 13.18 -11.11
N GLN B 107 -10.84 13.97 -11.12
CA GLN B 107 -9.58 13.56 -11.74
C GLN B 107 -8.86 12.54 -10.88
N ASN B 108 -8.09 11.66 -11.54
CA ASN B 108 -7.22 10.72 -10.84
C ASN B 108 -5.76 10.94 -11.18
N SER B 109 -4.93 10.90 -10.16
CA SER B 109 -3.50 10.97 -10.36
C SER B 109 -2.90 9.65 -9.89
N ILE B 110 -2.03 9.06 -10.70
CA ILE B 110 -1.53 7.72 -10.42
C ILE B 110 -0.02 7.61 -10.45
N ILE B 111 0.55 6.97 -9.43
CA ILE B 111 1.95 6.56 -9.40
C ILE B 111 2.04 5.05 -9.49
N ILE B 112 2.73 4.54 -10.50
CA ILE B 112 2.82 3.08 -10.69
C ILE B 112 4.23 2.58 -10.38
N VAL B 113 4.30 1.59 -9.49
CA VAL B 113 5.56 0.93 -9.17
C VAL B 113 5.60 -0.39 -9.92
N GLY B 114 6.58 -0.54 -10.80
CA GLY B 114 6.69 -1.72 -11.63
C GLY B 114 6.95 -2.96 -10.81
N GLY B 115 7.90 -2.85 -9.89
CA GLY B 115 8.26 -3.96 -9.03
C GLY B 115 8.55 -5.25 -9.78
N ALA B 116 8.03 -6.34 -9.24
CA ALA B 116 8.24 -7.67 -9.82
C ALA B 116 7.69 -7.75 -11.24
N ASN B 117 6.68 -6.93 -11.55
CA ASN B 117 6.07 -6.97 -12.89
C ASN B 117 7.08 -6.62 -13.97
N MET B 118 7.98 -5.69 -13.63
CA MET B 118 8.97 -5.20 -14.59
C MET B 118 10.35 -5.82 -14.39
N LYS B 119 10.63 -6.31 -13.18
CA LYS B 119 12.02 -6.62 -12.83
C LYS B 119 12.30 -8.07 -12.46
N ALA B 120 11.29 -8.91 -12.34
CA ALA B 120 11.50 -10.27 -11.86
C ALA B 120 11.38 -11.35 -12.92
N TRP B 121 11.40 -10.95 -14.20
CA TRP B 121 11.31 -11.90 -15.28
C TRP B 121 12.71 -12.34 -15.71
N PRO B 122 12.85 -13.58 -16.19
CA PRO B 122 14.17 -13.96 -16.68
C PRO B 122 14.50 -13.21 -17.97
N GLU B 123 15.79 -13.05 -18.26
CA GLU B 123 16.21 -12.42 -19.50
C GLU B 123 15.66 -13.21 -20.70
N ILE B 124 15.72 -14.54 -20.58
CA ILE B 124 15.14 -15.43 -21.57
C ILE B 124 14.14 -16.35 -20.89
N MET B 125 12.93 -16.42 -21.42
CA MET B 125 11.92 -17.31 -20.86
C MET B 125 12.31 -18.74 -21.08
N SER B 126 12.29 -19.55 -20.03
CA SER B 126 12.58 -20.97 -20.17
C SER B 126 11.42 -21.65 -20.89
N ASP B 127 11.70 -22.80 -21.52
CA ASP B 127 10.72 -23.44 -22.38
C ASP B 127 9.57 -24.10 -21.61
N ASP B 128 9.70 -24.21 -20.30
CA ASP B 128 8.59 -24.69 -19.50
C ASP B 128 7.97 -23.53 -18.74
N ASP B 129 8.53 -22.34 -18.94
CA ASP B 129 7.76 -21.12 -18.70
C ASP B 129 6.82 -20.95 -19.87
N LEU B 130 7.32 -21.31 -21.06
CA LEU B 130 6.57 -21.15 -22.31
C LEU B 130 5.69 -22.34 -22.66
N GLU B 131 5.77 -23.42 -21.88
CA GLU B 131 4.94 -24.58 -22.18
C GLU B 131 3.46 -24.25 -22.06
N ILE B 132 3.10 -23.38 -21.11
CA ILE B 132 1.70 -23.09 -20.88
C ILE B 132 1.15 -22.26 -22.03
N VAL B 133 1.95 -21.35 -22.58
CA VAL B 133 1.47 -20.52 -23.69
C VAL B 133 1.38 -21.38 -24.95
N ARG B 134 2.25 -22.37 -25.06
CA ARG B 134 2.19 -23.28 -26.20
C ARG B 134 0.97 -24.20 -26.14
N ASN B 135 0.38 -24.36 -24.96
CA ASN B 135 -0.83 -25.16 -24.82
C ASN B 135 -2.11 -24.32 -24.78
N ALA B 136 -1.99 -23.01 -24.94
CA ALA B 136 -3.15 -22.13 -24.77
C ALA B 136 -4.16 -22.28 -25.91
N GLY B 137 -5.41 -21.93 -25.63
CA GLY B 137 -6.41 -21.71 -26.67
C GLY B 137 -6.37 -20.28 -27.17
N ILE B 138 -5.91 -19.37 -26.31
CA ILE B 138 -5.84 -17.95 -26.65
C ILE B 138 -4.96 -17.27 -25.60
N VAL B 139 -4.16 -16.31 -26.02
CA VAL B 139 -3.22 -15.67 -25.10
C VAL B 139 -3.47 -14.17 -25.04
N LEU B 140 -3.48 -13.60 -23.83
CA LEU B 140 -3.70 -12.17 -23.62
C LEU B 140 -2.50 -11.52 -22.96
N LEU B 141 -2.03 -10.42 -23.56
CA LEU B 141 -0.93 -9.60 -23.08
C LEU B 141 -1.38 -8.17 -22.88
N GLN B 142 -0.67 -7.42 -22.03
CA GLN B 142 -0.86 -5.98 -21.92
C GLN B 142 0.52 -5.31 -21.90
N ARG B 143 0.58 -4.03 -21.54
CA ARG B 143 1.87 -3.36 -21.53
C ARG B 143 2.29 -2.89 -20.15
N GLU B 144 2.29 -3.83 -19.22
CA GLU B 144 2.69 -3.57 -17.83
C GLU B 144 3.76 -4.56 -17.37
N ILE B 145 4.34 -5.28 -18.33
CA ILE B 145 5.55 -6.09 -18.13
C ILE B 145 6.51 -5.77 -19.29
N PRO B 146 7.77 -6.21 -19.20
CA PRO B 146 8.73 -5.75 -20.23
C PRO B 146 8.39 -6.14 -21.68
N ASP B 147 8.66 -5.23 -22.62
CA ASP B 147 8.52 -5.52 -24.05
C ASP B 147 9.17 -6.84 -24.43
N SER B 148 10.33 -7.12 -23.83
CA SER B 148 11.10 -8.31 -24.19
C SER B 148 10.35 -9.58 -23.90
N ILE B 149 9.69 -9.61 -22.74
CA ILE B 149 8.89 -10.75 -22.34
C ILE B 149 7.67 -10.91 -23.24
N ASN B 150 6.98 -9.80 -23.54
CA ASN B 150 5.83 -9.88 -24.45
C ASN B 150 6.23 -10.41 -25.81
N ILE B 151 7.39 -9.98 -26.30
CA ILE B 151 7.86 -10.41 -27.61
C ILE B 151 8.10 -11.92 -27.62
N GLN B 152 8.77 -12.43 -26.60
CA GLN B 152 9.05 -13.85 -26.51
C GLN B 152 7.79 -14.70 -26.42
N VAL B 153 6.79 -14.22 -25.69
CA VAL B 153 5.55 -14.99 -25.55
C VAL B 153 4.79 -15.03 -26.88
N ALA B 154 4.65 -13.87 -27.51
CA ALA B 154 3.90 -13.77 -28.75
C ALA B 154 4.53 -14.64 -29.83
N LYS B 155 5.85 -14.57 -29.94
CA LYS B 155 6.58 -15.38 -30.94
C LYS B 155 6.42 -16.86 -30.68
N ALA B 156 6.37 -17.25 -29.41
CA ALA B 156 6.19 -18.65 -29.04
C ALA B 156 4.80 -19.15 -29.41
N VAL B 157 3.85 -18.24 -29.56
CA VAL B 157 2.51 -18.67 -29.90
C VAL B 157 2.31 -18.71 -31.40
N LYS B 158 2.67 -17.61 -32.06
CA LYS B 158 2.61 -17.52 -33.52
C LYS B 158 3.13 -18.81 -34.14
N LYS B 159 4.28 -19.27 -33.65
CA LYS B 159 4.85 -20.56 -34.03
C LYS B 159 4.15 -21.75 -33.34
N ALA B 160 2.85 -21.61 -33.09
CA ALA B 160 2.05 -22.69 -32.53
C ALA B 160 0.60 -22.58 -33.00
N GLY B 161 0.28 -21.45 -33.63
CA GLY B 161 -1.02 -21.24 -34.24
C GLY B 161 -2.24 -20.95 -33.38
N VAL B 162 -2.08 -20.19 -32.29
CA VAL B 162 -3.24 -19.78 -31.46
C VAL B 162 -3.29 -18.24 -31.36
N PRO B 163 -4.49 -17.66 -31.24
CA PRO B 163 -4.59 -16.18 -31.30
C PRO B 163 -3.96 -15.44 -30.11
N VAL B 164 -3.28 -14.34 -30.40
CA VAL B 164 -2.67 -13.51 -29.37
C VAL B 164 -3.26 -12.12 -29.41
N ILE B 165 -3.75 -11.68 -28.27
CA ILE B 165 -4.32 -10.34 -28.12
C ILE B 165 -3.42 -9.48 -27.26
N LEU B 166 -3.07 -8.31 -27.78
CA LEU B 166 -2.29 -7.35 -27.03
C LEU B 166 -3.15 -6.14 -26.69
N ASP B 167 -3.42 -6.00 -25.40
CA ASP B 167 -4.10 -4.84 -24.86
C ASP B 167 -3.03 -3.77 -24.76
N VAL B 168 -3.36 -2.57 -25.22
CA VAL B 168 -2.34 -1.52 -25.31
C VAL B 168 -2.24 -0.81 -23.98
N GLY B 169 -3.18 -1.11 -23.07
CA GLY B 169 -3.15 -0.51 -21.75
C GLY B 169 -1.85 -0.79 -21.02
N GLY B 170 -1.38 0.21 -20.30
CA GLY B 170 -0.14 0.11 -19.53
C GLY B 170 0.78 1.28 -19.89
N MET B 171 2.03 0.96 -20.21
CA MET B 171 3.04 1.97 -20.53
C MET B 171 2.67 2.80 -21.74
N ASP B 172 3.03 4.08 -21.71
CA ASP B 172 2.72 5.00 -22.80
C ASP B 172 3.83 5.07 -23.85
N THR B 173 4.72 4.09 -23.83
CA THR B 173 5.83 4.05 -24.77
C THR B 173 5.39 3.46 -26.12
N PRO B 174 6.13 3.80 -27.20
CA PRO B 174 5.79 3.20 -28.50
C PRO B 174 5.85 1.69 -28.43
N ILE B 175 5.02 1.02 -29.21
CA ILE B 175 5.05 -0.44 -29.27
C ILE B 175 6.08 -0.90 -30.29
N PRO B 176 6.99 -1.78 -29.87
CA PRO B 176 7.99 -2.32 -30.81
C PRO B 176 7.33 -3.07 -31.96
N ASN B 177 7.80 -2.84 -33.18
CA ASN B 177 7.17 -3.46 -34.35
C ASN B 177 7.33 -4.96 -34.33
N GLU B 178 8.39 -5.40 -33.68
CA GLU B 178 8.63 -6.81 -33.50
C GLU B 178 7.45 -7.41 -32.73
N LEU B 179 6.89 -6.62 -31.83
CA LEU B 179 5.75 -7.10 -31.04
C LEU B 179 4.48 -7.07 -31.88
N LEU B 180 4.20 -5.92 -32.49
CA LEU B 180 3.05 -5.78 -33.39
C LEU B 180 3.02 -6.87 -34.48
N ASP B 181 4.18 -7.24 -35.01
CA ASP B 181 4.24 -8.28 -36.04
C ASP B 181 3.91 -9.68 -35.53
N SER B 182 3.89 -9.86 -34.22
CA SER B 182 3.77 -11.20 -33.66
C SER B 182 2.42 -11.46 -32.99
N ILE B 183 1.58 -10.45 -32.91
CA ILE B 183 0.25 -10.61 -32.31
C ILE B 183 -0.82 -10.73 -33.40
N ASP B 184 -2.02 -11.11 -33.01
CA ASP B 184 -3.12 -11.25 -33.97
C ASP B 184 -4.12 -10.11 -33.83
N ILE B 185 -4.42 -9.73 -32.60
CA ILE B 185 -5.38 -8.67 -32.37
C ILE B 185 -4.77 -7.62 -31.47
N LEU B 186 -4.83 -6.37 -31.91
CA LEU B 186 -4.39 -5.24 -31.11
C LEU B 186 -5.64 -4.62 -30.47
N SER B 187 -5.60 -4.33 -29.17
CA SER B 187 -6.79 -3.72 -28.55
C SER B 187 -6.47 -2.42 -27.80
N PRO B 188 -6.54 -1.28 -28.50
CA PRO B 188 -6.36 0.03 -27.90
C PRO B 188 -7.68 0.72 -27.62
N ASN B 189 -7.68 1.66 -26.68
CA ASN B 189 -8.76 2.62 -26.61
C ASN B 189 -8.45 3.76 -27.58
N GLU B 190 -9.31 4.79 -27.57
CA GLU B 190 -9.15 5.94 -28.46
C GLU B 190 -7.83 6.66 -28.26
N THR B 191 -7.48 6.91 -27.00
CA THR B 191 -6.26 7.65 -26.69
C THR B 191 -5.01 6.84 -27.02
N GLU B 192 -5.03 5.55 -26.73
CA GLU B 192 -3.91 4.67 -27.05
C GLU B 192 -3.73 4.53 -28.54
N LEU B 193 -4.85 4.49 -29.27
CA LEU B 193 -4.78 4.36 -30.72
C LEU B 193 -4.19 5.61 -31.34
N SER B 194 -4.57 6.77 -30.81
CA SER B 194 -4.03 8.05 -31.26
C SER B 194 -2.55 8.20 -30.93
N ARG B 195 -2.18 7.86 -29.70
CA ARG B 195 -0.78 7.92 -29.29
C ARG B 195 0.10 7.03 -30.16
N LEU B 196 -0.34 5.78 -30.35
CA LEU B 196 0.39 4.79 -31.14
C LEU B 196 0.52 5.13 -32.62
N THR B 197 -0.52 5.74 -33.18
CA THR B 197 -0.51 6.05 -34.61
C THR B 197 -0.04 7.48 -34.87
N GLY B 198 -0.15 8.32 -33.84
CA GLY B 198 0.10 9.74 -33.99
C GLY B 198 -1.00 10.45 -34.75
N MET B 199 -2.17 9.81 -34.86
CA MET B 199 -3.30 10.36 -35.61
C MET B 199 -4.46 10.68 -34.69
N PRO B 200 -5.31 11.63 -35.11
CA PRO B 200 -6.46 11.98 -34.26
C PRO B 200 -7.50 10.86 -34.25
N THR B 201 -8.33 10.82 -33.22
CA THR B 201 -9.31 9.75 -33.08
C THR B 201 -10.62 10.32 -32.54
N GLU B 202 -10.93 11.54 -32.97
CA GLU B 202 -12.10 12.24 -32.48
C GLU B 202 -13.37 11.83 -33.24
N THR B 203 -13.21 11.22 -34.41
CA THR B 203 -14.35 10.79 -35.24
C THR B 203 -14.15 9.37 -35.74
N PHE B 204 -15.24 8.71 -36.14
CA PHE B 204 -15.11 7.34 -36.61
C PHE B 204 -14.29 7.25 -37.88
N GLU B 205 -14.40 8.25 -38.75
CA GLU B 205 -13.55 8.29 -39.94
C GLU B 205 -12.08 8.33 -39.53
N GLN B 206 -11.74 9.23 -38.59
CA GLN B 206 -10.38 9.32 -38.08
C GLN B 206 -9.91 8.00 -37.44
N ILE B 207 -10.78 7.39 -36.67
CA ILE B 207 -10.45 6.10 -36.04
C ILE B 207 -10.17 5.06 -37.10
N SER B 208 -11.01 4.99 -38.13
CA SER B 208 -10.82 4.03 -39.21
C SER B 208 -9.49 4.22 -39.92
N GLN B 209 -9.08 5.48 -40.08
CA GLN B 209 -7.82 5.77 -40.72
C GLN B 209 -6.64 5.52 -39.77
N ALA B 210 -6.86 5.72 -38.47
CA ALA B 210 -5.82 5.37 -37.52
C ALA B 210 -5.63 3.85 -37.54
N VAL B 211 -6.74 3.11 -37.69
CA VAL B 211 -6.70 1.65 -37.78
C VAL B 211 -6.04 1.17 -39.07
N ALA B 212 -6.31 1.87 -40.17
CA ALA B 212 -5.62 1.57 -41.43
C ALA B 212 -4.10 1.68 -41.25
N LYS B 213 -3.66 2.69 -40.49
CA LYS B 213 -2.25 2.80 -40.10
C LYS B 213 -1.80 1.56 -39.33
N CYS B 214 -2.66 1.06 -38.44
CA CYS B 214 -2.34 -0.18 -37.71
C CYS B 214 -2.21 -1.37 -38.67
N HIS B 215 -3.04 -1.42 -39.69
CA HIS B 215 -2.96 -2.51 -40.66
C HIS B 215 -1.62 -2.47 -41.41
N LYS B 216 -1.06 -1.26 -41.55
CA LYS B 216 0.22 -1.07 -42.24
C LYS B 216 1.36 -1.49 -41.32
N LEU B 217 1.20 -1.28 -40.02
CA LEU B 217 2.18 -1.75 -39.06
C LEU B 217 2.10 -3.28 -38.88
N GLY B 218 1.35 -3.98 -39.72
CA GLY B 218 1.29 -5.44 -39.69
C GLY B 218 0.17 -6.10 -38.87
N VAL B 219 -0.74 -5.32 -38.30
CA VAL B 219 -1.79 -5.92 -37.47
C VAL B 219 -3.10 -6.09 -38.24
N LYS B 220 -3.54 -7.34 -38.39
CA LYS B 220 -4.72 -7.69 -39.18
C LYS B 220 -6.04 -7.31 -38.51
N GLN B 221 -6.06 -7.36 -37.18
CA GLN B 221 -7.32 -7.15 -36.43
C GLN B 221 -7.10 -6.16 -35.31
N VAL B 222 -7.99 -5.18 -35.22
CA VAL B 222 -7.91 -4.18 -34.19
C VAL B 222 -9.27 -4.09 -33.50
N LEU B 223 -9.25 -4.30 -32.18
CA LEU B 223 -10.44 -4.22 -31.33
C LEU B 223 -10.40 -2.89 -30.59
N VAL B 224 -11.08 -1.87 -31.11
CA VAL B 224 -10.98 -0.56 -30.51
C VAL B 224 -12.06 -0.31 -29.45
N LYS B 225 -11.62 0.05 -28.24
CA LYS B 225 -12.53 0.40 -27.16
C LYS B 225 -12.84 1.89 -27.19
N LEU B 226 -14.13 2.23 -27.22
CA LEU B 226 -14.53 3.61 -27.47
C LEU B 226 -15.30 4.22 -26.30
N GLY B 227 -15.08 3.71 -25.09
CA GLY B 227 -15.70 4.24 -23.90
C GLY B 227 -17.21 4.25 -23.99
N SER B 228 -17.83 5.39 -23.73
CA SER B 228 -19.30 5.51 -23.78
C SER B 228 -19.86 5.31 -25.18
N LYS B 229 -18.99 5.34 -26.20
CA LYS B 229 -19.42 5.09 -27.58
C LYS B 229 -19.38 3.60 -27.96
N GLY B 230 -18.95 2.76 -27.03
CA GLY B 230 -18.91 1.34 -27.29
C GLY B 230 -17.57 0.81 -27.79
N SER B 231 -17.61 0.10 -28.91
CA SER B 231 -16.44 -0.57 -29.41
C SER B 231 -16.58 -0.84 -30.89
N ALA B 232 -15.48 -1.26 -31.51
CA ALA B 232 -15.56 -1.70 -32.89
C ALA B 232 -14.42 -2.66 -33.19
N LEU B 233 -14.69 -3.65 -34.04
CA LEU B 233 -13.72 -4.63 -34.45
C LEU B 233 -13.41 -4.43 -35.93
N PHE B 234 -12.18 -4.04 -36.21
CA PHE B 234 -11.71 -3.90 -37.59
C PHE B 234 -10.89 -5.11 -37.97
N ILE B 235 -11.24 -5.73 -39.09
CA ILE B 235 -10.45 -6.83 -39.64
C ILE B 235 -10.04 -6.44 -41.05
N GLN B 236 -8.75 -6.56 -41.36
CA GLN B 236 -8.27 -6.13 -42.66
C GLN B 236 -8.97 -6.84 -43.80
N GLY B 237 -9.49 -6.07 -44.76
CA GLY B 237 -10.20 -6.61 -45.90
C GLY B 237 -11.68 -6.84 -45.68
N GLU B 238 -12.15 -6.49 -44.48
CA GLU B 238 -13.55 -6.70 -44.14
C GLU B 238 -14.19 -5.40 -43.65
N LYS B 239 -15.52 -5.40 -43.62
CA LYS B 239 -16.27 -4.27 -43.10
C LYS B 239 -16.14 -4.29 -41.57
N PRO B 240 -15.91 -3.13 -40.95
CA PRO B 240 -15.83 -3.01 -39.49
C PRO B 240 -17.16 -3.37 -38.83
N ILE B 241 -17.10 -3.93 -37.63
CA ILE B 241 -18.29 -4.22 -36.84
C ILE B 241 -18.34 -3.25 -35.68
N GLN B 242 -19.48 -2.57 -35.49
CA GLN B 242 -19.59 -1.63 -34.39
C GLN B 242 -20.57 -2.18 -33.34
N GLN B 243 -20.26 -1.92 -32.08
CA GLN B 243 -21.11 -2.33 -30.96
C GLN B 243 -21.21 -1.17 -29.98
N SER B 244 -22.42 -0.69 -29.72
CA SER B 244 -22.58 0.42 -28.80
C SER B 244 -22.46 -0.12 -27.37
N ILE B 245 -22.41 0.75 -26.36
CA ILE B 245 -22.39 0.22 -25.01
C ILE B 245 -23.71 -0.47 -24.74
N ILE B 246 -23.67 -1.49 -23.88
CA ILE B 246 -24.87 -1.99 -23.23
C ILE B 246 -25.05 -1.12 -21.98
N PRO B 247 -26.04 -0.23 -21.99
CA PRO B 247 -26.03 0.77 -20.92
C PRO B 247 -26.17 0.16 -19.54
N ALA B 248 -25.40 0.68 -18.60
CA ALA B 248 -25.42 0.23 -17.21
C ALA B 248 -26.48 1.02 -16.46
N ALA B 249 -27.16 0.39 -15.51
CA ALA B 249 -28.18 1.10 -14.72
C ALA B 249 -27.55 2.25 -13.95
N GLN B 250 -26.43 2.00 -13.28
CA GLN B 250 -25.60 3.07 -12.71
C GLN B 250 -24.12 2.80 -12.91
N VAL B 251 -23.37 3.85 -13.17
CA VAL B 251 -21.90 3.75 -13.18
C VAL B 251 -21.32 4.03 -11.81
N VAL B 252 -20.84 2.99 -11.15
CA VAL B 252 -20.25 3.11 -9.83
C VAL B 252 -18.74 3.30 -9.91
N ASP B 253 -18.10 2.53 -10.79
CA ASP B 253 -16.66 2.52 -10.86
C ASP B 253 -16.21 1.81 -12.14
N THR B 254 -15.61 2.57 -13.06
CA THR B 254 -15.17 1.98 -14.33
C THR B 254 -13.83 1.26 -14.24
N THR B 255 -13.20 1.25 -13.07
CA THR B 255 -11.93 0.55 -12.94
C THR B 255 -12.08 -0.94 -13.31
N GLY B 256 -11.22 -1.40 -14.22
CA GLY B 256 -11.21 -2.78 -14.63
C GLY B 256 -12.15 -3.12 -15.79
N ALA B 257 -12.95 -2.14 -16.22
CA ALA B 257 -13.96 -2.42 -17.25
C ALA B 257 -13.34 -2.67 -18.63
N GLY B 258 -12.28 -1.94 -18.97
CA GLY B 258 -11.58 -2.21 -20.20
C GLY B 258 -10.95 -3.60 -20.17
N ASP B 259 -10.43 -3.98 -19.01
CA ASP B 259 -9.85 -5.30 -18.84
C ASP B 259 -10.91 -6.38 -19.00
N THR B 260 -12.09 -6.11 -18.42
CA THR B 260 -13.22 -7.03 -18.53
C THR B 260 -13.64 -7.17 -19.98
N PHE B 261 -13.73 -6.03 -20.66
CA PHE B 261 -14.14 -6.03 -22.07
C PHE B 261 -13.22 -6.94 -22.89
N THR B 262 -11.92 -6.73 -22.72
CA THR B 262 -10.93 -7.45 -23.54
C THR B 262 -10.91 -8.94 -23.20
N ALA B 263 -10.95 -9.27 -21.91
CA ALA B 263 -10.96 -10.69 -21.54
C ALA B 263 -12.25 -11.41 -21.93
N ALA B 264 -13.39 -10.72 -21.85
CA ALA B 264 -14.67 -11.33 -22.19
C ALA B 264 -14.74 -11.57 -23.70
N PHE B 265 -14.22 -10.62 -24.46
CA PHE B 265 -14.10 -10.80 -25.90
C PHE B 265 -13.27 -12.06 -26.19
N ALA B 266 -12.15 -12.21 -25.51
CA ALA B 266 -11.25 -13.36 -25.71
C ALA B 266 -11.94 -14.69 -25.40
N VAL B 267 -12.73 -14.70 -24.34
CA VAL B 267 -13.45 -15.94 -23.94
C VAL B 267 -14.48 -16.27 -25.01
N ALA B 268 -15.21 -15.27 -25.47
CA ALA B 268 -16.21 -15.51 -26.52
C ALA B 268 -15.52 -15.99 -27.79
N MET B 269 -14.39 -15.38 -28.12
CA MET B 269 -13.66 -15.77 -29.35
C MET B 269 -13.11 -17.18 -29.21
N VAL B 270 -12.51 -17.54 -28.08
CA VAL B 270 -11.96 -18.92 -27.92
C VAL B 270 -13.08 -19.96 -27.85
N GLU B 271 -14.29 -19.58 -27.46
CA GLU B 271 -15.44 -20.50 -27.47
C GLU B 271 -16.06 -20.64 -28.87
N GLY B 272 -15.60 -19.90 -29.87
CA GLY B 272 -16.09 -20.11 -31.23
C GLY B 272 -17.24 -19.21 -31.61
N LYS B 273 -17.49 -18.16 -30.85
CA LYS B 273 -18.64 -17.30 -31.19
C LYS B 273 -18.28 -16.39 -32.36
N SER B 274 -19.29 -15.81 -32.99
CA SER B 274 -19.12 -14.86 -34.12
C SER B 274 -18.51 -13.55 -33.63
N HIS B 275 -17.86 -12.81 -34.52
CA HIS B 275 -17.29 -11.50 -34.11
C HIS B 275 -18.39 -10.63 -33.50
N GLU B 276 -19.56 -10.63 -34.14
CA GLU B 276 -20.68 -9.88 -33.61
C GLU B 276 -21.03 -10.31 -32.19
N GLU B 277 -21.14 -11.63 -31.98
CA GLU B 277 -21.46 -12.16 -30.66
C GLU B 277 -20.35 -11.87 -29.66
N CYS B 278 -19.10 -11.93 -30.10
CA CYS B 278 -17.95 -11.61 -29.24
C CYS B 278 -18.03 -10.18 -28.73
N LEU B 279 -18.29 -9.24 -29.63
CA LEU B 279 -18.41 -7.84 -29.23
C LEU B 279 -19.57 -7.62 -28.27
N ARG B 280 -20.70 -8.24 -28.56
CA ARG B 280 -21.87 -8.08 -27.69
C ARG B 280 -21.62 -8.59 -26.29
N PHE B 281 -21.03 -9.78 -26.24
CA PHE B 281 -20.68 -10.45 -24.97
C PHE B 281 -19.71 -9.60 -24.17
N ALA B 282 -18.69 -9.07 -24.83
CA ALA B 282 -17.74 -8.17 -24.18
C ALA B 282 -18.41 -6.90 -23.65
N ALA B 283 -19.31 -6.32 -24.44
CA ALA B 283 -20.01 -5.11 -24.02
C ALA B 283 -20.87 -5.36 -22.81
N ALA B 284 -21.54 -6.51 -22.77
CA ALA B 284 -22.39 -6.87 -21.64
C ALA B 284 -21.53 -7.05 -20.39
N ALA B 285 -20.37 -7.67 -20.54
CA ALA B 285 -19.55 -7.95 -19.36
C ALA B 285 -18.99 -6.66 -18.81
N ALA B 286 -18.53 -5.75 -19.68
CA ALA B 286 -18.04 -4.45 -19.23
C ALA B 286 -19.17 -3.61 -18.58
N SER B 287 -20.38 -3.72 -19.11
CA SER B 287 -21.55 -3.04 -18.52
C SER B 287 -21.75 -3.43 -17.06
N LEU B 288 -21.70 -4.72 -16.80
CA LEU B 288 -21.86 -5.20 -15.42
C LEU B 288 -20.72 -4.75 -14.51
N CYS B 289 -19.50 -4.81 -15.05
CA CYS B 289 -18.30 -4.39 -14.32
C CYS B 289 -18.40 -2.96 -13.77
N VAL B 290 -18.96 -2.04 -14.53
CA VAL B 290 -18.93 -0.65 -14.11
C VAL B 290 -19.96 -0.37 -13.02
N GLN B 291 -20.79 -1.37 -12.70
CA GLN B 291 -21.85 -1.14 -11.71
C GLN B 291 -21.46 -1.58 -10.31
N VAL B 292 -20.21 -1.99 -10.13
CA VAL B 292 -19.70 -2.45 -8.84
C VAL B 292 -18.31 -1.85 -8.58
N LYS B 293 -18.01 -1.48 -7.34
CA LYS B 293 -16.72 -0.87 -7.05
C LYS B 293 -15.59 -1.89 -6.98
N GLY B 294 -14.41 -1.50 -7.45
CA GLY B 294 -13.24 -2.38 -7.46
C GLY B 294 -13.08 -3.07 -8.79
N ALA B 295 -11.87 -3.53 -9.10
CA ALA B 295 -11.64 -4.24 -10.37
C ALA B 295 -12.10 -5.70 -10.27
N ILE B 296 -11.27 -6.52 -9.65
CA ILE B 296 -11.55 -7.94 -9.53
C ILE B 296 -12.87 -8.26 -8.77
N PRO B 297 -13.21 -7.51 -7.70
CA PRO B 297 -14.53 -7.72 -7.09
C PRO B 297 -15.72 -7.47 -8.01
N SER B 298 -15.56 -6.66 -9.05
CA SER B 298 -16.68 -6.30 -9.93
C SER B 298 -16.87 -7.25 -11.11
N MET B 299 -15.96 -8.19 -11.27
CA MET B 299 -16.05 -9.10 -12.44
C MET B 299 -17.34 -9.92 -12.39
N PRO B 300 -18.13 -9.97 -13.48
CA PRO B 300 -19.37 -10.70 -13.45
C PRO B 300 -19.23 -12.20 -13.77
N ASP B 301 -20.19 -12.98 -13.28
CA ASP B 301 -20.20 -14.41 -13.63
C ASP B 301 -20.83 -14.56 -15.02
N ARG B 302 -20.57 -15.69 -15.67
CA ARG B 302 -21.08 -15.92 -17.03
C ARG B 302 -22.60 -15.81 -17.12
N LYS B 303 -23.33 -16.42 -16.19
CA LYS B 303 -24.81 -16.39 -16.25
C LYS B 303 -25.32 -14.95 -16.32
N SER B 304 -24.76 -14.05 -15.51
CA SER B 304 -25.21 -12.65 -15.49
C SER B 304 -24.96 -12.01 -16.86
N VAL B 305 -23.80 -12.27 -17.45
CA VAL B 305 -23.49 -11.68 -18.79
C VAL B 305 -24.54 -12.18 -19.79
N LEU B 306 -24.81 -13.48 -19.76
CA LEU B 306 -25.79 -14.04 -20.72
C LEU B 306 -27.19 -13.47 -20.42
N LYS B 307 -27.53 -13.24 -19.17
CA LYS B 307 -28.86 -12.69 -18.83
C LYS B 307 -28.95 -11.27 -19.37
N LEU B 308 -27.91 -10.49 -19.20
CA LEU B 308 -27.97 -9.12 -19.71
C LEU B 308 -28.11 -9.15 -21.22
N LEU B 309 -27.43 -10.07 -21.88
CA LEU B 309 -27.54 -10.23 -23.33
C LEU B 309 -28.93 -10.59 -23.79
N LYS B 310 -29.56 -11.50 -23.05
CA LYS B 310 -30.90 -11.92 -23.37
C LYS B 310 -31.85 -10.73 -23.36
N PHE B 311 -31.70 -9.87 -22.36
CA PHE B 311 -32.72 -8.84 -22.10
C PHE B 311 -32.39 -7.43 -22.61
N SER B 312 -31.23 -7.28 -23.26
CA SER B 312 -30.77 -5.97 -23.72
C SER B 312 -30.76 -5.74 -25.23
N ILE B 313 -30.51 -6.79 -26.01
CA ILE B 313 -30.33 -6.70 -27.46
C ILE B 313 -29.29 -5.64 -27.85
#